data_6YDJ
#
_entry.id   6YDJ
#
_cell.length_a   37.080
_cell.length_b   54.250
_cell.length_c   104.320
_cell.angle_alpha   90.000
_cell.angle_beta   90.000
_cell.angle_gamma   90.000
#
_symmetry.space_group_name_H-M   'P 21 21 21'
#
loop_
_entity.id
_entity.type
_entity.pdbx_description
1 polymer Beta-phosphoglucomutase
2 non-polymer 6-O-phosphono-beta-D-glucopyranose
3 non-polymer TRIFLUOROMAGNESATE
4 non-polymer 'MAGNESIUM ION'
5 non-polymer 'SODIUM ION'
6 non-polymer 1,2-ETHANEDIOL
7 non-polymer 1,3-PROPANDIOL
8 water water
#
_entity_poly.entity_id   1
_entity_poly.type   'polypeptide(L)'
_entity_poly.pdbx_seq_one_letter_code
;MFKAVLFDLDGVITDTAEYHFRAWKALAEEIGINGVDRQFNEQLKGVSREDSLQKILDLADKKVSAEEFKELAKRKNDNY
VKMIQDVSPADVYPGILQLLKDLRSNKIKIALASASKNGPFLLERMNLTGYFDAIADPAEVAASKAAPDIFIAAAHAVGV
APSESIGLEDSQAGIQAIKDSGALPIGVGRPEDLGDDIVIVPDTSHYTLEFLKEVWLQKQK
;
_entity_poly.pdbx_strand_id   A
#
loop_
_chem_comp.id
_chem_comp.type
_chem_comp.name
_chem_comp.formula
BG6 D-saccharide, beta linking 6-O-phosphono-beta-D-glucopyranose 'C6 H13 O9 P'
EDO non-polymer 1,2-ETHANEDIOL 'C2 H6 O2'
MG non-polymer 'MAGNESIUM ION' 'Mg 2'
MGF non-polymer TRIFLUOROMAGNESATE 'F3 Mg -1'
NA non-polymer 'SODIUM ION' 'Na 1'
PDO non-polymer 1,3-PROPANDIOL 'C3 H8 O2'
#
# COMPACT_ATOMS: atom_id res chain seq x y z
N MET A 1 -21.43 -10.05 -8.17
CA MET A 1 -20.16 -10.37 -7.45
C MET A 1 -19.10 -9.39 -7.88
N PHE A 2 -18.15 -9.10 -7.00
CA PHE A 2 -17.02 -8.28 -7.40
C PHE A 2 -16.20 -9.02 -8.44
N LYS A 3 -15.55 -8.24 -9.30
CA LYS A 3 -14.80 -8.77 -10.44
C LYS A 3 -13.29 -8.59 -10.34
N ALA A 4 -12.83 -7.79 -9.37
CA ALA A 4 -11.40 -7.55 -9.15
C ALA A 4 -11.13 -7.25 -7.71
N VAL A 5 -9.91 -7.57 -7.29
CA VAL A 5 -9.36 -7.15 -6.02
C VAL A 5 -8.10 -6.35 -6.31
N LEU A 6 -8.05 -5.17 -5.72
CA LEU A 6 -6.97 -4.20 -5.90
C LEU A 6 -6.13 -4.18 -4.62
N PHE A 7 -4.92 -4.72 -4.71
CA PHE A 7 -4.07 -4.90 -3.53
C PHE A 7 -3.09 -3.75 -3.36
N ASP A 8 -3.10 -3.09 -2.22
CA ASP A 8 -1.89 -2.42 -1.75
C ASP A 8 -0.84 -3.52 -1.48
N LEU A 9 0.45 -3.14 -1.45
CA LEU A 9 1.51 -4.09 -1.13
C LEU A 9 2.00 -3.91 0.30
N ASP A 10 2.63 -2.80 0.59
CA ASP A 10 3.32 -2.65 1.88
C ASP A 10 2.32 -2.62 3.03
N GLY A 11 2.47 -3.57 3.94
CA GLY A 11 1.54 -3.72 5.06
C GLY A 11 0.29 -4.52 4.77
N VAL A 12 0.15 -5.03 3.53
CA VAL A 12 -0.99 -5.86 3.14
C VAL A 12 -0.48 -7.22 2.67
N ILE A 13 0.43 -7.23 1.69
CA ILE A 13 1.00 -8.47 1.17
C ILE A 13 2.14 -8.97 2.05
N THR A 14 2.91 -8.03 2.63
CA THR A 14 4.05 -8.37 3.48
C THR A 14 4.33 -7.19 4.40
N ASP A 15 5.23 -7.42 5.35
CA ASP A 15 5.55 -6.47 6.43
C ASP A 15 6.55 -5.37 6.03
N THR A 16 6.45 -4.86 4.80
CA THR A 16 7.38 -3.83 4.34
C THR A 16 6.98 -2.43 4.78
N ALA A 17 5.74 -2.21 5.28
CA ALA A 17 5.46 -0.92 5.93
C ALA A 17 6.39 -0.70 7.11
N GLU A 18 6.74 -1.77 7.84
CA GLU A 18 7.71 -1.67 8.93
C GLU A 18 9.04 -1.13 8.43
N TYR A 19 9.51 -1.65 7.29
CA TYR A 19 10.80 -1.24 6.73
C TYR A 19 10.78 0.18 6.18
N HIS A 20 9.68 0.60 5.53
CA HIS A 20 9.56 2.00 5.14
C HIS A 20 9.64 2.92 6.38
N PHE A 21 8.93 2.55 7.44
CA PHE A 21 8.97 3.32 8.67
C PHE A 21 10.39 3.44 9.21
N ARG A 22 11.08 2.30 9.34
CA ARG A 22 12.43 2.33 9.90
C ARG A 22 13.36 3.21 9.05
N ALA A 23 13.25 3.09 7.73
CA ALA A 23 14.10 3.87 6.81
C ALA A 23 13.78 5.37 6.88
N TRP A 24 12.49 5.72 6.91
CA TRP A 24 12.14 7.15 7.02
C TRP A 24 12.54 7.73 8.37
N LYS A 25 12.37 6.96 9.45
CA LYS A 25 12.77 7.43 10.77
C LYS A 25 14.29 7.70 10.80
N ALA A 26 15.08 6.78 10.25
CA ALA A 26 16.52 6.96 10.20
C ALA A 26 16.89 8.20 9.42
N LEU A 27 16.24 8.41 8.28
CA LEU A 27 16.52 9.60 7.49
CA LEU A 27 16.47 9.60 7.46
C LEU A 27 16.18 10.87 8.27
N ALA A 28 14.99 10.90 8.87
CA ALA A 28 14.55 12.08 9.60
C ALA A 28 15.55 12.43 10.69
N GLU A 29 15.98 11.42 11.44
CA GLU A 29 16.91 11.69 12.53
C GLU A 29 18.26 12.16 12.03
N GLU A 30 18.72 11.68 10.88
CA GLU A 30 19.98 12.17 10.28
C GLU A 30 19.93 13.66 10.01
N ILE A 31 18.75 14.18 9.67
CA ILE A 31 18.61 15.60 9.42
C ILE A 31 18.12 16.39 10.64
N GLY A 32 18.05 15.72 11.80
CA GLY A 32 17.70 16.40 13.05
C GLY A 32 16.22 16.53 13.36
N ILE A 33 15.39 15.74 12.70
CA ILE A 33 13.94 15.74 12.91
C ILE A 33 13.58 14.45 13.64
N ASN A 34 13.03 14.58 14.84
CA ASN A 34 12.83 13.44 15.75
C ASN A 34 11.40 12.98 15.90
N GLY A 35 10.47 13.62 15.20
CA GLY A 35 9.05 13.34 15.37
C GLY A 35 8.47 12.15 14.61
N VAL A 36 9.30 11.43 13.85
CA VAL A 36 8.81 10.26 13.12
C VAL A 36 8.79 9.05 14.06
N ASP A 37 7.71 8.96 14.83
CA ASP A 37 7.41 7.79 15.64
C ASP A 37 6.30 6.99 14.98
N ARG A 38 5.91 5.88 15.61
CA ARG A 38 4.89 5.03 14.96
C ARG A 38 3.58 5.77 14.77
N GLN A 39 3.19 6.60 15.73
CA GLN A 39 1.95 7.34 15.58
C GLN A 39 2.01 8.30 14.38
N PHE A 40 3.09 9.09 14.29
CA PHE A 40 3.22 10.00 13.15
C PHE A 40 3.27 9.21 11.83
N ASN A 41 3.92 8.06 11.86
CA ASN A 41 4.06 7.25 10.66
C ASN A 41 2.72 6.81 10.06
N GLU A 42 1.64 6.80 10.84
CA GLU A 42 0.33 6.54 10.24
C GLU A 42 -0.02 7.57 9.14
N GLN A 43 0.52 8.78 9.24
CA GLN A 43 0.34 9.80 8.22
C GLN A 43 1.21 9.59 6.99
N LEU A 44 2.22 8.73 7.12
CA LEU A 44 3.14 8.42 6.04
C LEU A 44 2.76 7.16 5.26
N LYS A 45 2.02 6.24 5.87
CA LYS A 45 1.70 5.00 5.16
C LYS A 45 0.90 5.31 3.90
N GLY A 46 1.25 4.66 2.79
CA GLY A 46 0.56 4.87 1.53
C GLY A 46 1.00 6.07 0.72
N VAL A 47 1.78 6.97 1.30
CA VAL A 47 2.15 8.24 0.73
C VAL A 47 3.41 8.06 -0.13
N SER A 48 3.51 8.78 -1.24
CA SER A 48 4.66 8.64 -2.16
C SER A 48 5.97 8.98 -1.50
N ARG A 49 7.07 8.62 -2.15
CA ARG A 49 8.40 8.90 -1.59
C ARG A 49 8.58 10.40 -1.38
N GLU A 50 8.21 11.21 -2.37
CA GLU A 50 8.40 12.64 -2.30
C GLU A 50 7.47 13.26 -1.26
N ASP A 51 6.21 12.82 -1.21
CA ASP A 51 5.27 13.36 -0.25
C ASP A 51 5.64 12.95 1.17
N SER A 52 6.21 11.77 1.33
CA SER A 52 6.69 11.32 2.64
C SER A 52 7.79 12.23 3.16
N LEU A 53 8.79 12.48 2.32
CA LEU A 53 9.87 13.37 2.71
C LEU A 53 9.33 14.74 3.03
N GLN A 54 8.43 15.28 2.18
CA GLN A 54 7.90 16.60 2.46
C GLN A 54 7.14 16.66 3.78
N LYS A 55 6.35 15.64 4.08
CA LYS A 55 5.62 15.60 5.36
C LYS A 55 6.59 15.60 6.55
N ILE A 56 7.70 14.89 6.41
CA ILE A 56 8.71 14.88 7.45
C ILE A 56 9.35 16.27 7.61
N LEU A 57 9.74 16.87 6.48
CA LEU A 57 10.32 18.22 6.50
C LEU A 57 9.36 19.26 7.09
N ASP A 58 8.07 19.06 6.86
CA ASP A 58 7.05 19.95 7.40
C ASP A 58 6.99 19.92 8.93
N LEU A 59 7.47 18.85 9.57
CA LEU A 59 7.41 18.74 11.03
C LEU A 59 8.16 19.77 11.83
N ALA A 60 9.32 20.19 11.32
CA ALA A 60 10.13 21.20 11.97
C ALA A 60 10.17 22.46 11.12
N ASP A 61 9.14 22.63 10.28
CA ASP A 61 9.10 23.68 9.27
C ASP A 61 10.42 23.74 8.50
N LYS A 62 11.07 22.59 8.30
CA LYS A 62 12.44 22.56 7.81
C LYS A 62 12.49 22.76 6.30
N LYS A 63 13.47 23.57 5.88
CA LYS A 63 13.73 23.99 4.49
C LYS A 63 15.11 23.56 3.96
N VAL A 64 15.10 22.58 3.07
CA VAL A 64 16.31 22.07 2.42
C VAL A 64 16.31 22.53 0.99
N SER A 65 17.47 22.49 0.34
CA SER A 65 17.54 22.83 -1.07
C SER A 65 16.91 21.76 -1.93
N ALA A 66 16.63 22.12 -3.17
CA ALA A 66 16.11 21.12 -4.09
C ALA A 66 17.10 19.95 -4.27
N GLU A 67 18.37 20.29 -4.35
CA GLU A 67 19.41 19.31 -4.48
C GLU A 67 19.43 18.37 -3.27
N GLU A 68 19.35 18.94 -2.08
CA GLU A 68 19.31 18.14 -0.87
C GLU A 68 18.08 17.25 -0.81
N PHE A 69 16.93 17.78 -1.22
CA PHE A 69 15.68 16.99 -1.21
C PHE A 69 15.84 15.71 -2.06
N LYS A 70 16.40 15.90 -3.23
CA LYS A 70 16.63 14.78 -4.12
C LYS A 70 17.59 13.77 -3.52
N GLU A 71 18.69 14.23 -2.94
CA GLU A 71 19.65 13.35 -2.30
C GLU A 71 19.07 12.61 -1.10
N LEU A 72 18.25 13.29 -0.31
CA LEU A 72 17.63 12.65 0.86
C LEU A 72 16.67 11.54 0.46
N ALA A 73 15.84 11.80 -0.55
CA ALA A 73 14.93 10.76 -1.06
C ALA A 73 15.71 9.54 -1.59
N LYS A 74 16.80 9.83 -2.30
CA LYS A 74 17.64 8.78 -2.83
C LYS A 74 18.29 7.97 -1.70
N ARG A 75 18.80 8.68 -0.69
CA ARG A 75 19.41 8.00 0.45
C ARG A 75 18.46 7.05 1.15
N LYS A 76 17.23 7.52 1.37
CA LYS A 76 16.23 6.66 2.00
C LYS A 76 15.92 5.47 1.11
N ASN A 77 15.74 5.69 -0.19
CA ASN A 77 15.45 4.57 -1.08
C ASN A 77 16.59 3.58 -1.13
N ASP A 78 17.82 4.07 -1.17
CA ASP A 78 18.95 3.15 -1.24
C ASP A 78 19.00 2.25 0.00
N ASN A 79 18.73 2.83 1.17
CA ASN A 79 18.68 2.08 2.42
C ASN A 79 17.52 1.07 2.42
N TYR A 80 16.33 1.54 2.09
CA TYR A 80 15.17 0.65 1.99
C TYR A 80 15.40 -0.53 1.04
N VAL A 81 15.95 -0.22 -0.13
CA VAL A 81 16.23 -1.26 -1.12
C VAL A 81 17.19 -2.29 -0.56
N LYS A 82 18.22 -1.85 0.17
CA LYS A 82 19.11 -2.83 0.83
C LYS A 82 18.37 -3.67 1.88
N MET A 83 17.51 -2.99 2.67
CA MET A 83 16.74 -3.80 3.68
C MET A 83 15.87 -4.89 3.11
N ILE A 84 15.35 -4.70 1.91
CA ILE A 84 14.39 -5.68 1.33
C ILE A 84 15.03 -6.76 0.48
N GLN A 85 16.37 -6.78 0.31
CA GLN A 85 16.95 -7.76 -0.59
C GLN A 85 16.67 -9.19 -0.17
N ASP A 86 16.60 -9.47 1.14
CA ASP A 86 16.39 -10.84 1.60
C ASP A 86 14.91 -11.21 1.79
N VAL A 87 13.98 -10.33 1.44
CA VAL A 87 12.56 -10.71 1.43
C VAL A 87 12.40 -11.95 0.53
N SER A 88 11.55 -12.88 0.97
CA SER A 88 11.37 -14.13 0.25
C SER A 88 9.90 -14.54 0.33
N PRO A 89 9.54 -15.69 -0.31
CA PRO A 89 8.16 -16.15 -0.18
C PRO A 89 7.75 -16.43 1.27
N ALA A 90 8.72 -16.73 2.13
CA ALA A 90 8.42 -16.96 3.54
C ALA A 90 7.86 -15.72 4.23
N ASP A 91 8.07 -14.54 3.65
CA ASP A 91 7.61 -13.28 4.21
C ASP A 91 6.21 -12.88 3.76
N VAL A 92 5.60 -13.62 2.84
CA VAL A 92 4.23 -13.27 2.45
C VAL A 92 3.33 -13.41 3.70
N TYR A 93 2.49 -12.41 3.94
CA TYR A 93 1.65 -12.42 5.13
C TYR A 93 0.67 -13.59 5.09
N PRO A 94 0.26 -14.06 6.27
CA PRO A 94 -0.69 -15.18 6.34
C PRO A 94 -1.96 -14.89 5.56
N GLY A 95 -2.43 -15.92 4.86
CA GLY A 95 -3.66 -15.83 4.08
C GLY A 95 -3.53 -15.26 2.70
N ILE A 96 -2.47 -14.50 2.41
CA ILE A 96 -2.41 -13.75 1.17
C ILE A 96 -2.22 -14.68 -0.03
N LEU A 97 -1.28 -15.62 0.06
CA LEU A 97 -1.08 -16.56 -1.06
C LEU A 97 -2.35 -17.36 -1.34
N GLN A 98 -3.00 -17.86 -0.29
CA GLN A 98 -4.25 -18.59 -0.49
C GLN A 98 -5.34 -17.71 -1.18
N LEU A 99 -5.42 -16.47 -0.73
CA LEU A 99 -6.38 -15.56 -1.33
C LEU A 99 -6.11 -15.39 -2.80
N LEU A 100 -4.85 -15.17 -3.16
CA LEU A 100 -4.50 -15.02 -4.57
C LEU A 100 -4.91 -16.27 -5.38
N LYS A 101 -4.60 -17.45 -4.85
CA LYS A 101 -4.98 -18.68 -5.52
C LYS A 101 -6.49 -18.81 -5.67
N ASP A 102 -7.24 -18.44 -4.63
CA ASP A 102 -8.69 -18.60 -4.65
C ASP A 102 -9.33 -17.59 -5.60
N LEU A 103 -8.82 -16.35 -5.61
CA LEU A 103 -9.32 -15.35 -6.57
C LEU A 103 -9.10 -15.84 -8.00
N ARG A 104 -7.88 -16.31 -8.25
CA ARG A 104 -7.55 -16.81 -9.59
C ARG A 104 -8.46 -17.97 -10.00
N SER A 105 -8.68 -18.92 -9.10
CA SER A 105 -9.51 -20.07 -9.42
CA SER A 105 -9.55 -20.08 -9.38
C SER A 105 -10.95 -19.64 -9.76
N ASN A 106 -11.42 -18.58 -9.10
CA ASN A 106 -12.76 -18.04 -9.32
C ASN A 106 -12.81 -16.96 -10.39
N LYS A 107 -11.75 -16.80 -11.18
CA LYS A 107 -11.72 -15.86 -12.31
C LYS A 107 -11.95 -14.41 -11.90
N ILE A 108 -11.47 -14.09 -10.70
CA ILE A 108 -11.52 -12.71 -10.20
C ILE A 108 -10.16 -12.08 -10.49
N LYS A 109 -10.16 -10.91 -11.11
CA LYS A 109 -8.93 -10.25 -11.50
C LYS A 109 -8.18 -9.76 -10.26
N ILE A 110 -6.86 -9.72 -10.40
CA ILE A 110 -5.94 -9.34 -9.31
C ILE A 110 -5.03 -8.22 -9.84
N ALA A 111 -5.09 -7.05 -9.20
CA ALA A 111 -4.24 -5.94 -9.63
C ALA A 111 -3.51 -5.34 -8.45
N LEU A 112 -2.28 -4.87 -8.69
CA LEU A 112 -1.52 -4.14 -7.67
C LEU A 112 -1.79 -2.64 -7.78
N ALA A 113 -2.14 -2.04 -6.65
CA ALA A 113 -2.34 -0.60 -6.50
C ALA A 113 -1.45 -0.10 -5.37
N SER A 114 -0.16 -0.32 -5.52
CA SER A 114 0.86 0.18 -4.63
C SER A 114 1.47 1.51 -5.11
N ALA A 115 1.68 2.43 -4.19
CA ALA A 115 2.44 3.63 -4.45
C ALA A 115 3.92 3.36 -4.63
N SER A 116 4.40 2.15 -4.34
CA SER A 116 5.84 1.91 -4.29
C SER A 116 6.42 1.56 -5.64
N LYS A 117 7.47 2.28 -6.03
CA LYS A 117 8.20 1.93 -7.24
C LYS A 117 9.03 0.65 -7.06
N ASN A 118 9.17 0.19 -5.81
CA ASN A 118 9.79 -1.10 -5.49
C ASN A 118 8.79 -2.26 -5.51
N GLY A 119 7.54 -1.99 -5.85
CA GLY A 119 6.52 -3.04 -5.86
C GLY A 119 6.83 -4.22 -6.75
N PRO A 120 7.16 -3.98 -8.02
CA PRO A 120 7.42 -5.13 -8.90
C PRO A 120 8.56 -6.01 -8.39
N PHE A 121 9.63 -5.38 -7.89
CA PHE A 121 10.74 -6.12 -7.33
C PHE A 121 10.29 -6.99 -6.15
N LEU A 122 9.48 -6.42 -5.26
CA LEU A 122 8.99 -7.19 -4.10
C LEU A 122 8.10 -8.35 -4.53
N LEU A 123 7.21 -8.16 -5.51
CA LEU A 123 6.44 -9.31 -5.98
C LEU A 123 7.32 -10.43 -6.53
N GLU A 124 8.41 -10.06 -7.19
CA GLU A 124 9.36 -11.06 -7.67
C GLU A 124 10.05 -11.74 -6.51
N ARG A 125 10.49 -10.98 -5.51
CA ARG A 125 11.14 -11.57 -4.33
C ARG A 125 10.24 -12.64 -3.68
N MET A 126 8.93 -12.36 -3.66
CA MET A 126 7.97 -13.22 -2.99
C MET A 126 7.36 -14.28 -3.90
N ASN A 127 7.82 -14.34 -5.15
CA ASN A 127 7.25 -15.28 -6.15
C ASN A 127 5.75 -15.13 -6.31
N LEU A 128 5.32 -13.88 -6.40
CA LEU A 128 3.90 -13.55 -6.56
C LEU A 128 3.53 -12.96 -7.91
N THR A 129 4.51 -12.61 -8.74
CA THR A 129 4.20 -11.87 -9.96
C THR A 129 3.16 -12.58 -10.83
N GLY A 130 3.26 -13.91 -10.93
CA GLY A 130 2.37 -14.67 -11.79
C GLY A 130 0.92 -14.66 -11.38
N TYR A 131 0.63 -14.27 -10.14
CA TYR A 131 -0.75 -14.16 -9.71
C TYR A 131 -1.39 -12.85 -10.14
N PHE A 132 -0.60 -11.83 -10.44
CA PHE A 132 -1.11 -10.51 -10.74
C PHE A 132 -1.44 -10.34 -12.20
N ASP A 133 -2.69 -9.95 -12.48
CA ASP A 133 -3.09 -9.64 -13.84
C ASP A 133 -2.58 -8.29 -14.33
N ALA A 134 -2.38 -7.35 -13.40
CA ALA A 134 -1.82 -6.04 -13.73
C ALA A 134 -1.16 -5.43 -12.51
N ILE A 135 -0.21 -4.52 -12.79
CA ILE A 135 0.41 -3.67 -11.78
C ILE A 135 0.20 -2.23 -12.25
N ALA A 136 -0.53 -1.42 -11.48
CA ALA A 136 -0.68 0.00 -11.81
C ALA A 136 0.64 0.69 -11.49
N ASP A 137 1.19 1.41 -12.46
CA ASP A 137 2.47 2.10 -12.32
C ASP A 137 2.25 3.39 -11.52
N PRO A 138 2.84 3.49 -10.32
CA PRO A 138 2.61 4.69 -9.51
C PRO A 138 3.22 5.97 -10.11
N ALA A 139 4.16 5.83 -11.03
CA ALA A 139 4.70 7.00 -11.72
C ALA A 139 3.80 7.51 -12.85
N GLU A 140 2.85 6.71 -13.28
CA GLU A 140 2.00 7.11 -14.43
C GLU A 140 0.80 7.95 -13.97
N VAL A 141 0.33 7.81 -12.74
CA VAL A 141 -0.83 8.58 -12.27
C VAL A 141 -0.48 10.05 -12.08
N ALA A 142 -1.43 10.94 -12.34
CA ALA A 142 -1.24 12.37 -12.11
C ALA A 142 -1.26 12.75 -10.63
N ALA A 143 -1.95 11.95 -9.81
CA ALA A 143 -2.12 12.25 -8.39
C ALA A 143 -1.98 10.96 -7.60
N SER A 144 -1.08 10.99 -6.62
CA SER A 144 -0.78 9.83 -5.76
CA SER A 144 -0.81 9.80 -5.79
C SER A 144 -1.75 9.74 -4.59
N LYS A 145 -1.73 8.61 -3.88
CA LYS A 145 -2.60 8.45 -2.68
C LYS A 145 -2.36 9.64 -1.75
N ALA A 146 -3.40 10.25 -1.14
CA ALA A 146 -4.78 9.76 -1.01
C ALA A 146 -5.71 9.99 -2.19
N ALA A 147 -5.22 10.56 -3.28
CA ALA A 147 -6.03 10.63 -4.50
C ALA A 147 -6.36 9.21 -4.96
N PRO A 148 -7.55 9.03 -5.59
CA PRO A 148 -7.99 7.68 -5.98
C PRO A 148 -7.35 7.12 -7.25
N ASP A 149 -6.57 7.92 -7.97
CA ASP A 149 -6.11 7.60 -9.31
C ASP A 149 -5.51 6.20 -9.43
N ILE A 150 -4.64 5.82 -8.50
CA ILE A 150 -3.97 4.53 -8.62
C ILE A 150 -4.95 3.34 -8.54
N PHE A 151 -5.97 3.47 -7.69
CA PHE A 151 -7.00 2.40 -7.62
C PHE A 151 -7.85 2.36 -8.88
N ILE A 152 -8.19 3.52 -9.40
CA ILE A 152 -8.94 3.60 -10.66
C ILE A 152 -8.12 2.96 -11.80
N ALA A 153 -6.84 3.29 -11.83
CA ALA A 153 -5.94 2.75 -12.85
C ALA A 153 -5.80 1.24 -12.75
N ALA A 154 -5.69 0.73 -11.53
CA ALA A 154 -5.58 -0.71 -11.30
C ALA A 154 -6.81 -1.48 -11.78
N ALA A 155 -7.99 -0.94 -11.47
CA ALA A 155 -9.24 -1.54 -11.92
C ALA A 155 -9.31 -1.53 -13.45
N HIS A 156 -9.04 -0.36 -14.04
CA HIS A 156 -9.10 -0.24 -15.50
C HIS A 156 -8.07 -1.14 -16.19
N ALA A 157 -6.92 -1.36 -15.57
CA ALA A 157 -5.89 -2.21 -16.15
C ALA A 157 -6.30 -3.67 -16.27
N VAL A 158 -7.27 -4.09 -15.47
CA VAL A 158 -7.82 -5.45 -15.57
C VAL A 158 -9.21 -5.47 -16.19
N GLY A 159 -9.64 -4.35 -16.80
CA GLY A 159 -10.91 -4.31 -17.52
C GLY A 159 -12.16 -4.25 -16.69
N VAL A 160 -12.04 -3.74 -15.47
CA VAL A 160 -13.16 -3.71 -14.50
C VAL A 160 -13.36 -2.26 -14.04
N ALA A 161 -14.59 -1.92 -13.67
CA ALA A 161 -14.84 -0.62 -13.07
C ALA A 161 -14.42 -0.64 -11.60
N PRO A 162 -13.96 0.50 -11.06
CA PRO A 162 -13.72 0.52 -9.61
C PRO A 162 -14.94 0.08 -8.80
N SER A 163 -16.16 0.44 -9.24
CA SER A 163 -17.37 0.05 -8.52
C SER A 163 -17.61 -1.46 -8.46
N GLU A 164 -16.90 -2.23 -9.27
CA GLU A 164 -16.96 -3.69 -9.26
C GLU A 164 -15.75 -4.31 -8.57
N SER A 165 -15.02 -3.52 -7.78
CA SER A 165 -13.77 -3.94 -7.17
C SER A 165 -13.78 -3.75 -5.66
N ILE A 166 -12.97 -4.59 -5.00
CA ILE A 166 -12.60 -4.43 -3.59
C ILE A 166 -11.16 -3.96 -3.54
N GLY A 167 -10.86 -3.02 -2.66
CA GLY A 167 -9.49 -2.61 -2.39
C GLY A 167 -9.05 -3.01 -0.99
N LEU A 168 -7.83 -3.54 -0.87
CA LEU A 168 -7.26 -3.97 0.40
C LEU A 168 -6.13 -3.01 0.77
N GLU A 169 -6.17 -2.46 2.00
CA GLU A 169 -5.28 -1.39 2.42
C GLU A 169 -4.99 -1.45 3.91
N ASP A 170 -3.81 -0.97 4.27
CA ASP A 170 -3.38 -0.85 5.67
C ASP A 170 -3.23 0.61 6.12
N SER A 171 -3.60 1.59 5.30
CA SER A 171 -3.26 2.97 5.59
C SER A 171 -4.45 3.92 5.49
N GLN A 172 -4.35 5.02 6.23
CA GLN A 172 -5.36 6.08 6.14
C GLN A 172 -5.45 6.66 4.73
N ALA A 173 -4.31 7.00 4.17
CA ALA A 173 -4.31 7.61 2.84
C ALA A 173 -4.88 6.66 1.80
N GLY A 174 -4.51 5.38 1.90
CA GLY A 174 -5.00 4.41 0.94
C GLY A 174 -6.47 4.07 1.07
N ILE A 175 -6.98 4.01 2.29
CA ILE A 175 -8.42 3.82 2.50
CA ILE A 175 -8.41 3.81 2.50
C ILE A 175 -9.18 4.98 1.87
N GLN A 176 -8.72 6.20 2.08
CA GLN A 176 -9.37 7.36 1.44
C GLN A 176 -9.34 7.26 -0.08
N ALA A 177 -8.21 6.84 -0.62
CA ALA A 177 -8.07 6.65 -2.06
C ALA A 177 -9.09 5.62 -2.58
N ILE A 178 -9.23 4.51 -1.86
CA ILE A 178 -10.21 3.51 -2.26
C ILE A 178 -11.62 4.10 -2.22
N LYS A 179 -11.96 4.76 -1.12
CA LYS A 179 -13.29 5.38 -1.01
C LYS A 179 -13.60 6.28 -2.20
N ASP A 180 -12.65 7.14 -2.55
CA ASP A 180 -12.88 8.10 -3.61
C ASP A 180 -12.79 7.50 -5.02
N SER A 181 -12.33 6.26 -5.14
CA SER A 181 -12.30 5.60 -6.42
C SER A 181 -13.63 5.00 -6.83
N GLY A 182 -14.47 4.70 -5.84
CA GLY A 182 -15.71 3.94 -6.07
C GLY A 182 -15.63 2.47 -5.67
N ALA A 183 -14.42 1.96 -5.42
CA ALA A 183 -14.25 0.60 -4.95
C ALA A 183 -14.60 0.47 -3.46
N LEU A 184 -14.76 -0.77 -3.01
CA LEU A 184 -15.12 -1.07 -1.64
C LEU A 184 -13.85 -1.35 -0.82
N PRO A 185 -13.58 -0.54 0.22
CA PRO A 185 -12.36 -0.79 1.01
C PRO A 185 -12.56 -1.83 2.10
N ILE A 186 -11.55 -2.69 2.31
CA ILE A 186 -11.45 -3.52 3.51
C ILE A 186 -10.06 -3.30 4.08
N GLY A 187 -9.99 -2.68 5.25
CA GLY A 187 -8.70 -2.37 5.85
C GLY A 187 -8.16 -3.51 6.68
N VAL A 188 -6.85 -3.48 6.93
CA VAL A 188 -6.20 -4.39 7.86
C VAL A 188 -5.38 -3.55 8.84
N GLY A 189 -5.66 -3.71 10.13
CA GLY A 189 -4.99 -2.94 11.17
C GLY A 189 -5.98 -2.58 12.26
N ARG A 190 -5.79 -1.42 12.85
CA ARG A 190 -6.59 -0.96 14.00
C ARG A 190 -7.59 0.10 13.56
N PRO A 191 -8.87 0.03 14.00
CA PRO A 191 -9.79 1.14 13.69
C PRO A 191 -9.35 2.48 14.25
N GLU A 192 -8.62 2.44 15.36
CA GLU A 192 -7.98 3.62 15.95
C GLU A 192 -7.11 4.38 14.92
N ASP A 193 -6.48 3.64 14.02
CA ASP A 193 -5.70 4.22 12.94
C ASP A 193 -6.49 4.43 11.65
N LEU A 194 -7.35 3.49 11.29
CA LEU A 194 -7.92 3.45 9.93
C LEU A 194 -9.36 3.91 9.83
N GLY A 195 -10.03 4.05 10.96
CA GLY A 195 -11.40 4.55 11.01
C GLY A 195 -12.39 3.49 11.46
N ASP A 196 -13.53 3.95 11.95
CA ASP A 196 -14.60 3.07 12.44
C ASP A 196 -15.75 2.95 11.43
N ASP A 197 -15.55 3.46 10.21
CA ASP A 197 -16.63 3.60 9.21
C ASP A 197 -16.46 2.66 8.00
N ILE A 198 -15.43 1.82 8.00
CA ILE A 198 -15.33 0.78 7.00
CA ILE A 198 -15.20 0.80 6.98
C ILE A 198 -15.02 -0.54 7.68
N VAL A 199 -15.13 -1.61 6.92
CA VAL A 199 -14.79 -2.92 7.45
C VAL A 199 -13.26 -3.00 7.61
N ILE A 200 -12.83 -3.41 8.81
CA ILE A 200 -11.42 -3.57 9.15
CA ILE A 200 -11.43 -3.59 9.15
C ILE A 200 -11.24 -4.96 9.76
N VAL A 201 -10.19 -5.64 9.33
CA VAL A 201 -9.81 -6.92 9.90
C VAL A 201 -8.55 -6.76 10.73
N PRO A 202 -8.38 -7.58 11.76
CA PRO A 202 -7.21 -7.37 12.62
C PRO A 202 -5.88 -7.90 12.07
N ASP A 203 -5.93 -8.85 11.14
CA ASP A 203 -4.75 -9.42 10.54
C ASP A 203 -5.15 -10.02 9.19
N THR A 204 -4.15 -10.22 8.33
CA THR A 204 -4.41 -10.64 6.95
C THR A 204 -4.99 -12.03 6.81
N SER A 205 -4.89 -12.89 7.85
CA SER A 205 -5.50 -14.21 7.71
C SER A 205 -7.03 -14.10 7.53
N HIS A 206 -7.61 -12.96 7.93
CA HIS A 206 -9.04 -12.69 7.75
C HIS A 206 -9.43 -12.31 6.33
N TYR A 207 -8.46 -12.05 5.46
CA TYR A 207 -8.72 -11.77 4.06
C TYR A 207 -8.90 -13.09 3.31
N THR A 208 -10.05 -13.73 3.51
CA THR A 208 -10.41 -14.95 2.79
C THR A 208 -11.39 -14.53 1.70
N LEU A 209 -11.44 -15.33 0.62
CA LEU A 209 -12.43 -15.08 -0.42
C LEU A 209 -13.87 -15.08 0.19
N GLU A 210 -14.09 -16.01 1.09
CA GLU A 210 -15.39 -16.15 1.76
C GLU A 210 -15.83 -14.87 2.50
N PHE A 211 -14.87 -14.27 3.21
CA PHE A 211 -15.13 -13.03 3.91
C PHE A 211 -15.37 -11.85 2.96
N LEU A 212 -14.52 -11.73 1.94
CA LEU A 212 -14.69 -10.68 0.93
C LEU A 212 -16.09 -10.75 0.29
N LYS A 213 -16.52 -11.95 -0.05
CA LYS A 213 -17.84 -12.16 -0.68
C LYS A 213 -18.98 -11.64 0.20
N GLU A 214 -18.88 -11.95 1.49
CA GLU A 214 -19.90 -11.52 2.45
C GLU A 214 -19.90 -9.99 2.64
N VAL A 215 -18.71 -9.40 2.76
CA VAL A 215 -18.62 -7.95 2.82
C VAL A 215 -19.31 -7.33 1.58
N TRP A 216 -19.03 -7.89 0.42
CA TRP A 216 -19.61 -7.39 -0.84
C TRP A 216 -21.14 -7.46 -0.80
N LEU A 217 -21.64 -8.61 -0.37
CA LEU A 217 -23.07 -8.82 -0.25
C LEU A 217 -23.74 -7.81 0.67
N GLN A 218 -23.07 -7.48 1.77
CA GLN A 218 -23.68 -6.63 2.81
C GLN A 218 -23.44 -5.15 2.50
C1 BG6 B . 3.80 2.82 -0.32
C2 BG6 B . 4.24 2.83 1.13
O1 BG6 B . 3.40 1.52 -0.71
O5 BG6 B . 4.92 3.14 -1.14
C3 BG6 B . 4.87 4.17 1.52
O2 BG6 B . 3.08 2.67 1.95
C4 BG6 B . 5.99 4.51 0.55
O3 BG6 B . 5.35 4.03 2.86
C5 BG6 B . 5.46 4.44 -0.89
O4 BG6 B . 6.52 5.80 0.83
C6 BG6 B . 6.49 4.74 -1.96
O6 BG6 B . 7.45 3.68 -1.92
P BG6 B . 8.82 3.75 -2.77
O1P BG6 B . 9.74 4.75 -2.09
O2P BG6 B . 8.49 4.20 -4.17
O3P BG6 B . 9.29 2.34 -2.66
F1 MGF C . 1.67 0.55 1.30
MG MGF C . 1.48 0.69 -0.60
F2 MGF C . 2.25 -0.87 -1.37
F3 MGF C . 0.87 2.20 -1.53
MG MG D . 0.36 -0.01 2.64
NA NA E . 20.69 7.73 17.07
C1 EDO F . 12.51 2.06 -7.49
O1 EDO F . 12.76 3.44 -7.19
C2 EDO F . 13.82 1.29 -7.46
O2 EDO F . 14.39 1.35 -6.17
C1 PDO G . 4.43 -0.55 11.03
O1 PDO G . 3.02 -0.44 11.22
C2 PDO G . 5.01 0.84 10.86
C3 PDO G . 5.06 1.72 12.08
O3 PDO G . 4.12 1.26 13.04
#